data_8F82
#
_entry.id   8F82
#
_cell.length_a   28.666
_cell.length_b   66.739
_cell.length_c   44.025
_cell.angle_alpha   90.00
_cell.angle_beta   90.48
_cell.angle_gamma   90.00
#
_symmetry.space_group_name_H-M   'P 1 21 1'
#
loop_
_entity.id
_entity.type
_entity.pdbx_description
1 polymer 'Dihydrofolate reductase'
2 non-polymer '3-{2-[3-({(6M)-2,4-diamino-6-[3-(trifluoromethyl)phenyl]pyrimidin-5-yl}oxy)propoxy]phenyl}propanoic acid'
3 non-polymer (4S)-2-METHYL-2,4-PENTANEDIOL
4 non-polymer 'NADP NICOTINAMIDE-ADENINE-DINUCLEOTIDE PHOSPHATE'
5 non-polymer 'BROMIDE ION'
6 water water
#
_entity_poly.entity_id   1
_entity_poly.type   'polypeptide(L)'
_entity_poly.pdbx_seq_one_letter_code
;MAHHHHHHMTSVGLIWAQSTSGVIGRDGGIPWRLPEDLAHFKRLTMGHTVVMGRRTWDSLPAAHRPLPGRRNVVVTRQTG
LVAHGAQVVGSLEQALSPAEPDAATWVIGGAQIYALALPLANRCEVTEVDVDLPPEDEDALAPVLDQTWAGTSGEWLVSR
SGLRYRMHSYRRL
;
_entity_poly.pdbx_strand_id   A
#
# COMPACT_ATOMS: atom_id res chain seq x y z
N SER A 11 -9.39 5.46 -13.15
CA SER A 11 -9.20 4.22 -12.41
C SER A 11 -8.56 4.51 -11.05
N VAL A 12 -9.21 4.03 -9.99
CA VAL A 12 -8.73 4.15 -8.62
C VAL A 12 -8.28 2.76 -8.18
N GLY A 13 -7.02 2.64 -7.83
CA GLY A 13 -6.46 1.38 -7.37
C GLY A 13 -5.93 1.52 -5.96
N LEU A 14 -5.96 0.41 -5.23
CA LEU A 14 -5.26 0.30 -3.96
C LEU A 14 -4.02 -0.55 -4.17
N ILE A 15 -2.96 -0.22 -3.45
CA ILE A 15 -1.72 -1.01 -3.51
C ILE A 15 -1.20 -1.13 -2.09
N TRP A 16 -0.91 -2.36 -1.66
CA TRP A 16 -0.40 -2.59 -0.31
C TRP A 16 0.41 -3.88 -0.29
N ALA A 17 1.26 -3.99 0.75
CA ALA A 17 1.98 -5.22 1.07
C ALA A 17 1.58 -5.67 2.47
N GLN A 18 1.22 -6.94 2.61
CA GLN A 18 0.78 -7.46 3.89
C GLN A 18 1.50 -8.75 4.22
N SER A 19 1.66 -9.01 5.51
CA SER A 19 2.02 -10.35 5.93
C SER A 19 0.86 -11.30 5.63
N THR A 20 1.15 -12.59 5.73
N THR A 20 1.11 -12.60 5.72
CA THR A 20 0.12 -13.62 5.59
CA THR A 20 0.02 -13.54 5.53
C THR A 20 -1.07 -13.28 6.48
C THR A 20 -1.12 -13.29 6.50
N SER A 21 -0.81 -12.88 7.73
CA SER A 21 -1.83 -12.59 8.73
C SER A 21 -2.60 -11.29 8.46
N GLY A 22 -2.16 -10.48 7.49
CA GLY A 22 -2.85 -9.23 7.18
C GLY A 22 -2.26 -7.99 7.79
N VAL A 23 -1.15 -8.09 8.51
CA VAL A 23 -0.51 -6.91 9.08
C VAL A 23 0.13 -6.09 7.97
N ILE A 24 -0.14 -4.79 7.97
CA ILE A 24 0.54 -3.86 7.08
C ILE A 24 1.43 -2.86 7.82
N GLY A 25 1.18 -2.60 9.08
CA GLY A 25 1.91 -1.54 9.77
C GLY A 25 2.01 -1.81 11.25
N ARG A 26 3.11 -1.36 11.84
CA ARG A 26 3.35 -1.51 13.26
C ARG A 26 4.39 -0.50 13.69
N ASP A 27 4.17 0.13 14.84
CA ASP A 27 5.14 1.03 15.45
CA ASP A 27 5.13 1.04 15.45
C ASP A 27 5.52 2.17 14.50
N GLY A 28 4.56 2.65 13.71
CA GLY A 28 4.80 3.75 12.79
C GLY A 28 5.58 3.39 11.55
N GLY A 29 5.75 2.11 11.26
CA GLY A 29 6.45 1.68 10.08
C GLY A 29 5.88 0.37 9.61
N ILE A 30 6.70 -0.40 8.89
CA ILE A 30 6.30 -1.68 8.34
C ILE A 30 7.20 -2.75 8.94
N PRO A 31 6.65 -3.79 9.56
CA PRO A 31 7.50 -4.66 10.41
C PRO A 31 8.22 -5.79 9.69
N TRP A 32 8.73 -5.51 8.50
CA TRP A 32 9.65 -6.38 7.77
C TRP A 32 10.31 -5.51 6.71
N ARG A 33 11.32 -6.05 6.05
CA ARG A 33 11.99 -5.37 4.94
CA ARG A 33 11.98 -5.37 4.94
C ARG A 33 11.83 -6.23 3.69
N LEU A 34 11.53 -5.60 2.57
CA LEU A 34 11.36 -6.32 1.32
C LEU A 34 11.68 -5.41 0.14
N PRO A 35 12.96 -5.28 -0.20
CA PRO A 35 13.35 -4.35 -1.28
C PRO A 35 12.63 -4.60 -2.59
N GLU A 36 12.35 -5.87 -2.91
CA GLU A 36 11.67 -6.19 -4.15
C GLU A 36 10.25 -5.63 -4.18
N ASP A 37 9.58 -5.57 -3.02
CA ASP A 37 8.25 -4.96 -2.99
C ASP A 37 8.32 -3.45 -3.08
N LEU A 38 9.29 -2.82 -2.40
CA LEU A 38 9.44 -1.38 -2.56
CA LEU A 38 9.47 -1.38 -2.56
C LEU A 38 9.68 -1.03 -4.03
N ALA A 39 10.51 -1.82 -4.72
CA ALA A 39 10.73 -1.58 -6.15
C ALA A 39 9.44 -1.75 -6.95
N HIS A 40 8.66 -2.80 -6.66
CA HIS A 40 7.36 -3.02 -7.31
C HIS A 40 6.44 -1.81 -7.10
N PHE A 41 6.39 -1.31 -5.86
CA PHE A 41 5.56 -0.14 -5.56
C PHE A 41 6.00 1.07 -6.35
N LYS A 42 7.30 1.33 -6.39
N LYS A 42 7.31 1.31 -6.39
CA LYS A 42 7.83 2.45 -7.17
CA LYS A 42 7.86 2.43 -7.16
C LYS A 42 7.51 2.29 -8.65
C LYS A 42 7.54 2.30 -8.64
N ARG A 43 7.65 1.08 -9.19
CA ARG A 43 7.38 0.86 -10.62
CA ARG A 43 7.38 0.86 -10.62
C ARG A 43 5.92 1.13 -10.95
N LEU A 44 5.00 0.66 -10.11
N LEU A 44 5.00 0.64 -10.12
CA LEU A 44 3.58 0.78 -10.42
CA LEU A 44 3.58 0.80 -10.43
C LEU A 44 3.04 2.19 -10.20
C LEU A 44 3.14 2.25 -10.31
N THR A 45 3.64 2.96 -9.31
CA THR A 45 3.12 4.28 -8.97
C THR A 45 3.81 5.43 -9.67
N MET A 46 5.03 5.26 -10.20
CA MET A 46 5.80 6.39 -10.72
C MET A 46 5.01 7.10 -11.81
N GLY A 47 4.99 8.44 -11.76
CA GLY A 47 4.29 9.24 -12.72
C GLY A 47 2.83 9.46 -12.43
N HIS A 48 2.30 8.89 -11.37
CA HIS A 48 0.87 8.90 -11.06
C HIS A 48 0.62 9.63 -9.75
N THR A 49 -0.67 9.82 -9.45
CA THR A 49 -1.09 10.38 -8.18
C THR A 49 -1.10 9.28 -7.12
N VAL A 50 -0.56 9.60 -5.95
CA VAL A 50 -0.58 8.71 -4.80
C VAL A 50 -1.33 9.42 -3.67
N VAL A 51 -2.36 8.76 -3.16
CA VAL A 51 -3.23 9.27 -2.11
C VAL A 51 -2.95 8.49 -0.85
N MET A 52 -2.74 9.18 0.28
CA MET A 52 -2.38 8.51 1.52
C MET A 52 -3.01 9.22 2.70
N GLY A 53 -3.22 8.48 3.78
CA GLY A 53 -3.62 9.09 5.02
C GLY A 53 -2.46 9.81 5.69
N ARG A 54 -2.81 10.69 6.61
CA ARG A 54 -1.80 11.51 7.28
C ARG A 54 -0.77 10.67 8.01
N ARG A 55 -1.19 9.56 8.63
N ARG A 55 -1.19 9.56 8.63
CA ARG A 55 -0.23 8.75 9.37
CA ARG A 55 -0.21 8.76 9.37
C ARG A 55 0.78 8.09 8.43
C ARG A 55 0.77 8.08 8.43
N THR A 56 0.33 7.69 7.23
CA THR A 56 1.27 7.17 6.25
C THR A 56 2.24 8.26 5.79
N TRP A 57 1.73 9.48 5.55
CA TRP A 57 2.63 10.60 5.27
C TRP A 57 3.70 10.76 6.36
N ASP A 58 3.28 10.68 7.64
CA ASP A 58 4.24 10.82 8.74
C ASP A 58 5.28 9.71 8.74
N SER A 59 4.93 8.54 8.19
CA SER A 59 5.82 7.38 8.21
C SER A 59 6.89 7.41 7.12
N LEU A 60 6.78 8.27 6.13
CA LEU A 60 7.71 8.23 5.01
C LEU A 60 9.08 8.78 5.43
N PRO A 61 10.17 8.03 5.25
CA PRO A 61 11.48 8.56 5.62
C PRO A 61 11.83 9.80 4.81
N ALA A 62 12.72 10.63 5.37
CA ALA A 62 13.03 11.93 4.78
C ALA A 62 13.42 11.82 3.30
N ALA A 63 14.19 10.80 2.94
CA ALA A 63 14.58 10.68 1.53
C ALA A 63 13.42 10.32 0.62
N HIS A 64 12.28 9.96 1.20
CA HIS A 64 11.12 9.52 0.44
C HIS A 64 9.89 10.39 0.72
N ARG A 65 10.11 11.58 1.25
N ARG A 65 10.07 11.62 1.24
CA ARG A 65 9.01 12.47 1.53
CA ARG A 65 8.95 12.47 1.68
C ARG A 65 9.30 13.83 0.95
C ARG A 65 9.12 13.90 1.17
N PRO A 66 8.48 14.28 0.03
CA PRO A 66 7.41 13.55 -0.67
C PRO A 66 7.95 12.42 -1.55
N LEU A 67 7.07 11.51 -1.94
CA LEU A 67 7.49 10.43 -2.84
C LEU A 67 7.87 11.04 -4.18
N PRO A 68 9.09 10.83 -4.65
CA PRO A 68 9.54 11.54 -5.86
C PRO A 68 8.81 11.05 -7.11
N GLY A 69 8.55 11.99 -8.03
CA GLY A 69 8.01 11.66 -9.32
C GLY A 69 6.54 11.32 -9.34
N ARG A 70 5.82 11.63 -8.26
CA ARG A 70 4.41 11.32 -8.11
C ARG A 70 3.73 12.52 -7.47
N ARG A 71 2.45 12.71 -7.79
CA ARG A 71 1.67 13.76 -7.14
C ARG A 71 1.20 13.23 -5.79
N ASN A 72 1.72 13.77 -4.69
CA ASN A 72 1.41 13.27 -3.36
C ASN A 72 0.19 14.01 -2.82
N VAL A 73 -0.81 13.27 -2.38
CA VAL A 73 -2.04 13.84 -1.81
C VAL A 73 -2.22 13.22 -0.43
N VAL A 74 -2.39 14.07 0.58
CA VAL A 74 -2.48 13.63 1.98
C VAL A 74 -3.86 13.97 2.52
N VAL A 75 -4.53 12.97 3.08
CA VAL A 75 -5.89 13.09 3.62
C VAL A 75 -5.80 13.27 5.13
N THR A 76 -6.37 14.37 5.63
CA THR A 76 -6.33 14.72 7.04
C THR A 76 -7.58 15.51 7.39
N ARG A 77 -7.98 15.48 8.66
CA ARG A 77 -8.99 16.40 9.13
C ARG A 77 -8.40 17.69 9.67
N GLN A 78 -7.07 17.81 9.70
N GLN A 78 -7.07 17.80 9.77
CA GLN A 78 -6.40 19.02 10.18
CA GLN A 78 -6.43 19.01 10.29
C GLN A 78 -6.22 19.96 8.99
C GLN A 78 -6.15 19.94 9.11
N THR A 79 -7.08 20.97 8.89
N THR A 79 -7.04 20.91 8.92
CA THR A 79 -7.03 21.85 7.73
CA THR A 79 -6.97 21.75 7.72
C THR A 79 -5.68 22.56 7.61
C THR A 79 -5.63 22.47 7.60
N GLY A 80 -5.02 22.84 8.73
CA GLY A 80 -3.75 23.55 8.71
C GLY A 80 -2.50 22.70 8.72
N LEU A 81 -2.62 21.41 8.41
CA LEU A 81 -1.46 20.53 8.41
C LEU A 81 -0.39 21.08 7.48
N VAL A 82 0.85 21.07 7.94
CA VAL A 82 2.01 21.42 7.11
C VAL A 82 2.52 20.13 6.49
N ALA A 83 2.46 20.04 5.15
CA ALA A 83 2.94 18.87 4.40
C ALA A 83 3.64 19.37 3.15
N HIS A 84 4.90 19.75 3.31
CA HIS A 84 5.66 20.31 2.20
C HIS A 84 5.88 19.23 1.15
N GLY A 85 5.58 19.57 -0.10
CA GLY A 85 5.71 18.63 -1.18
C GLY A 85 4.48 17.82 -1.47
N ALA A 86 3.40 18.01 -0.71
CA ALA A 86 2.15 17.29 -0.93
C ALA A 86 1.00 18.28 -0.97
N GLN A 87 -0.12 17.81 -1.51
CA GLN A 87 -1.38 18.53 -1.50
C GLN A 87 -2.23 17.99 -0.34
N VAL A 88 -2.63 18.88 0.56
CA VAL A 88 -3.46 18.51 1.69
C VAL A 88 -4.93 18.61 1.29
N VAL A 89 -5.70 17.54 1.54
CA VAL A 89 -7.13 17.53 1.31
C VAL A 89 -7.83 17.01 2.56
N GLY A 90 -9.13 17.29 2.65
CA GLY A 90 -9.88 17.05 3.86
C GLY A 90 -10.74 15.80 3.88
N SER A 91 -10.74 15.01 2.82
CA SER A 91 -11.50 13.77 2.75
C SER A 91 -10.93 12.95 1.60
N LEU A 92 -11.25 11.65 1.63
CA LEU A 92 -10.88 10.81 0.49
C LEU A 92 -11.60 11.25 -0.78
N GLU A 93 -12.86 11.66 -0.66
CA GLU A 93 -13.60 12.13 -1.84
C GLU A 93 -12.92 13.33 -2.47
N GLN A 94 -12.42 14.27 -1.66
CA GLN A 94 -11.65 15.37 -2.23
C GLN A 94 -10.41 14.87 -2.94
N ALA A 95 -9.71 13.91 -2.34
CA ALA A 95 -8.51 13.36 -2.98
C ALA A 95 -8.82 12.75 -4.33
N LEU A 96 -10.00 12.16 -4.49
CA LEU A 96 -10.38 11.51 -5.74
C LEU A 96 -11.14 12.45 -6.67
N SER A 97 -11.21 13.73 -6.34
CA SER A 97 -11.87 14.74 -7.18
CA SER A 97 -11.86 14.73 -7.19
C SER A 97 -10.87 15.86 -7.47
N PRO A 98 -9.76 15.55 -8.12
CA PRO A 98 -8.73 16.56 -8.35
C PRO A 98 -9.21 17.62 -9.32
N ALA A 99 -8.68 18.84 -9.14
CA ALA A 99 -8.89 19.87 -10.15
C ALA A 99 -8.23 19.50 -11.46
N GLU A 100 -7.09 18.80 -11.42
CA GLU A 100 -6.40 18.29 -12.61
C GLU A 100 -6.54 16.78 -12.60
N PRO A 101 -7.40 16.19 -13.43
CA PRO A 101 -7.58 14.73 -13.40
C PRO A 101 -6.31 13.98 -13.75
N ASP A 102 -6.18 12.78 -13.19
CA ASP A 102 -5.09 11.88 -13.47
C ASP A 102 -5.67 10.56 -13.95
N ALA A 103 -5.07 10.01 -15.01
CA ALA A 103 -5.57 8.76 -15.58
C ALA A 103 -5.46 7.60 -14.58
N ALA A 104 -4.47 7.65 -13.69
CA ALA A 104 -4.26 6.60 -12.71
C ALA A 104 -4.02 7.22 -11.35
N THR A 105 -4.87 6.86 -10.39
CA THR A 105 -4.70 7.26 -9.01
C THR A 105 -4.55 6.02 -8.16
N TRP A 106 -3.53 6.02 -7.32
CA TRP A 106 -3.24 4.91 -6.43
C TRP A 106 -3.44 5.36 -4.99
N VAL A 107 -4.22 4.61 -4.23
CA VAL A 107 -4.32 4.78 -2.80
C VAL A 107 -3.28 3.87 -2.16
N ILE A 108 -2.35 4.49 -1.42
CA ILE A 108 -1.12 3.83 -1.00
C ILE A 108 -1.08 3.59 0.50
N GLY A 109 -2.20 3.79 1.19
CA GLY A 109 -2.34 3.47 2.60
C GLY A 109 -2.71 4.68 3.43
N GLY A 110 -2.91 4.46 4.72
CA GLY A 110 -2.78 3.21 5.46
C GLY A 110 -4.09 2.48 5.65
N ALA A 111 -4.21 1.77 6.78
CA ALA A 111 -5.39 0.95 7.01
C ALA A 111 -6.67 1.78 7.02
N GLN A 112 -6.65 2.97 7.62
CA GLN A 112 -7.87 3.77 7.69
C GLN A 112 -8.31 4.18 6.29
N ILE A 113 -7.38 4.64 5.47
CA ILE A 113 -7.73 5.13 4.15
C ILE A 113 -8.08 3.97 3.22
N TYR A 114 -7.41 2.81 3.35
CA TYR A 114 -7.82 1.67 2.52
C TYR A 114 -9.28 1.32 2.74
N ALA A 115 -9.74 1.35 4.00
CA ALA A 115 -11.12 0.97 4.27
C ALA A 115 -12.08 1.93 3.57
N LEU A 116 -11.76 3.23 3.57
CA LEU A 116 -12.62 4.19 2.90
C LEU A 116 -12.54 4.08 1.39
N ALA A 117 -11.37 3.73 0.86
CA ALA A 117 -11.18 3.72 -0.59
C ALA A 117 -11.69 2.46 -1.26
N LEU A 118 -11.73 1.34 -0.53
CA LEU A 118 -12.10 0.08 -1.15
C LEU A 118 -13.41 0.12 -1.91
N PRO A 119 -14.51 0.70 -1.36
CA PRO A 119 -15.77 0.77 -2.14
C PRO A 119 -15.66 1.61 -3.39
N LEU A 120 -14.66 2.49 -3.50
CA LEU A 120 -14.53 3.38 -4.64
C LEU A 120 -13.53 2.89 -5.67
N ALA A 121 -12.89 1.76 -5.42
CA ALA A 121 -11.77 1.29 -6.22
C ALA A 121 -12.20 0.19 -7.17
N ASN A 122 -11.45 0.06 -8.27
CA ASN A 122 -11.69 -1.06 -9.17
C ASN A 122 -10.52 -2.01 -9.31
N ARG A 123 -9.38 -1.73 -8.67
CA ARG A 123 -8.21 -2.58 -8.75
CA ARG A 123 -8.20 -2.57 -8.75
C ARG A 123 -7.51 -2.56 -7.40
N CYS A 124 -6.95 -3.72 -7.01
CA CYS A 124 -6.05 -3.82 -5.87
C CYS A 124 -4.81 -4.59 -6.30
N GLU A 125 -3.64 -4.05 -6.02
CA GLU A 125 -2.36 -4.73 -6.26
C GLU A 125 -1.77 -5.05 -4.90
N VAL A 126 -1.73 -6.34 -4.55
CA VAL A 126 -1.42 -6.81 -3.22
C VAL A 126 -0.14 -7.64 -3.24
N THR A 127 0.83 -7.30 -2.40
CA THR A 127 1.96 -8.17 -2.17
C THR A 127 1.72 -8.95 -0.89
N GLU A 128 1.83 -10.26 -1.00
N GLU A 128 1.73 -10.27 -0.98
CA GLU A 128 1.83 -11.17 0.12
CA GLU A 128 1.50 -11.11 0.18
C GLU A 128 3.28 -11.47 0.49
C GLU A 128 2.85 -11.61 0.67
N VAL A 129 3.62 -11.29 1.76
N VAL A 129 3.12 -11.40 1.95
CA VAL A 129 4.98 -11.49 2.25
CA VAL A 129 4.43 -11.68 2.54
C VAL A 129 4.97 -12.71 3.15
C VAL A 129 4.28 -12.79 3.57
N ASP A 130 5.83 -13.69 2.84
N ASP A 130 5.02 -13.88 3.37
CA ASP A 130 5.94 -14.96 3.54
CA ASP A 130 5.01 -15.02 4.29
C ASP A 130 6.67 -14.73 4.86
C ASP A 130 5.99 -14.74 5.43
N VAL A 131 5.95 -14.18 5.84
N VAL A 131 5.57 -13.83 6.31
CA VAL A 131 6.51 -13.86 7.15
CA VAL A 131 6.30 -13.53 7.53
C VAL A 131 5.42 -14.03 8.19
C VAL A 131 5.36 -13.81 8.70
N ASP A 132 5.79 -14.62 9.33
N ASP A 132 5.79 -14.68 9.61
CA ASP A 132 4.86 -14.92 10.42
CA ASP A 132 4.94 -15.06 10.73
C ASP A 132 4.91 -13.77 11.43
C ASP A 132 4.84 -13.87 11.68
N LEU A 133 3.81 -13.05 11.52
CA LEU A 133 3.66 -11.87 12.38
C LEU A 133 2.27 -11.95 13.00
N PRO A 134 2.16 -12.60 14.15
CA PRO A 134 0.88 -12.57 14.87
CA PRO A 134 0.89 -12.56 14.88
C PRO A 134 0.48 -11.13 15.14
N PRO A 135 -0.79 -10.78 14.94
CA PRO A 135 -1.19 -9.38 15.10
CA PRO A 135 -1.20 -9.38 15.10
C PRO A 135 -0.97 -8.90 16.53
N GLU A 136 -0.58 -7.64 16.66
CA GLU A 136 -0.42 -6.97 17.94
C GLU A 136 -1.44 -5.84 18.00
N ASP A 137 -1.70 -5.36 19.23
N ASP A 137 -1.71 -5.37 19.21
CA ASP A 137 -2.91 -4.59 19.50
CA ASP A 137 -2.95 -4.62 19.44
C ASP A 137 -2.99 -3.32 18.66
C ASP A 137 -3.01 -3.29 18.67
N GLU A 138 -1.87 -2.66 18.40
CA GLU A 138 -1.87 -1.39 17.68
C GLU A 138 -1.58 -1.54 16.19
N ASP A 139 -1.59 -2.76 15.66
CA ASP A 139 -1.24 -2.97 14.27
C ASP A 139 -2.24 -2.32 13.33
N ALA A 140 -1.74 -1.88 12.19
CA ALA A 140 -2.58 -1.52 11.05
C ALA A 140 -2.73 -2.76 10.18
N LEU A 141 -3.98 -3.04 9.77
CA LEU A 141 -4.31 -4.27 9.07
C LEU A 141 -4.83 -3.99 7.67
N ALA A 142 -4.60 -4.93 6.76
CA ALA A 142 -5.04 -4.79 5.38
C ALA A 142 -6.55 -4.96 5.28
N PRO A 143 -7.18 -4.37 4.25
CA PRO A 143 -8.57 -4.69 3.97
C PRO A 143 -8.70 -6.13 3.48
N VAL A 144 -9.92 -6.64 3.56
CA VAL A 144 -10.25 -7.98 3.08
C VAL A 144 -11.09 -7.83 1.82
N LEU A 145 -10.77 -8.63 0.81
CA LEU A 145 -11.45 -8.55 -0.48
C LEU A 145 -12.52 -9.62 -0.55
N ASP A 146 -13.78 -9.20 -0.65
CA ASP A 146 -14.91 -10.10 -0.64
C ASP A 146 -15.21 -10.61 -2.04
N GLN A 147 -16.39 -11.21 -2.21
CA GLN A 147 -16.78 -11.85 -3.46
C GLN A 147 -16.98 -10.86 -4.60
N THR A 148 -16.98 -9.55 -4.33
CA THR A 148 -17.08 -8.59 -5.43
C THR A 148 -15.76 -8.40 -6.16
N TRP A 149 -14.68 -9.01 -5.65
CA TRP A 149 -13.35 -8.91 -6.23
C TRP A 149 -12.92 -10.29 -6.71
N ALA A 150 -12.14 -10.31 -7.78
CA ALA A 150 -11.51 -11.55 -8.22
C ALA A 150 -10.08 -11.21 -8.63
N GLY A 151 -9.20 -12.20 -8.51
CA GLY A 151 -7.80 -11.94 -8.68
C GLY A 151 -7.02 -13.04 -9.35
N THR A 152 -5.78 -12.68 -9.69
N THR A 152 -5.77 -12.70 -9.68
N THR A 152 -5.76 -12.69 -9.62
CA THR A 152 -4.79 -13.60 -10.23
CA THR A 152 -4.80 -13.62 -10.23
CA THR A 152 -4.77 -13.55 -10.25
C THR A 152 -3.52 -13.45 -9.40
C THR A 152 -3.49 -13.44 -9.47
C THR A 152 -3.49 -13.44 -9.43
N SER A 153 -2.76 -14.53 -9.29
CA SER A 153 -1.57 -14.57 -8.45
C SER A 153 -0.31 -14.83 -9.27
N GLY A 154 0.75 -14.09 -8.97
CA GLY A 154 2.04 -14.43 -9.51
C GLY A 154 2.63 -15.61 -8.78
N GLU A 155 3.77 -16.08 -9.26
CA GLU A 155 4.47 -17.18 -8.59
C GLU A 155 5.04 -16.72 -7.26
N TRP A 156 5.40 -17.67 -6.42
N TRP A 156 4.97 -17.64 -6.28
CA TRP A 156 6.27 -17.32 -5.30
CA TRP A 156 5.54 -17.44 -4.96
C TRP A 156 7.66 -16.93 -5.80
C TRP A 156 7.05 -17.37 -5.12
N LEU A 157 8.18 -15.81 -5.29
N LEU A 157 7.62 -16.26 -4.70
CA LEU A 157 9.48 -15.27 -5.63
CA LEU A 157 9.04 -16.01 -4.87
C LEU A 157 10.37 -15.20 -4.40
C LEU A 157 9.69 -15.91 -3.51
N VAL A 158 11.68 -15.26 -4.60
N VAL A 158 10.99 -16.10 -3.50
CA VAL A 158 12.66 -15.29 -3.52
CA VAL A 158 11.78 -15.92 -2.30
C VAL A 158 13.40 -13.96 -3.52
C VAL A 158 12.57 -14.63 -2.48
N SER A 159 13.29 -13.22 -2.42
N SER A 159 12.38 -13.70 -1.56
CA SER A 159 14.03 -11.98 -2.27
CA SER A 159 13.17 -12.48 -1.55
C SER A 159 15.49 -12.29 -1.95
C SER A 159 14.64 -12.83 -1.40
N ARG A 160 16.36 -11.36 -2.30
N ARG A 160 15.49 -12.04 -2.06
CA ARG A 160 17.77 -11.49 -1.96
CA ARG A 160 16.91 -12.19 -1.83
C ARG A 160 17.96 -11.59 -0.46
C ARG A 160 17.27 -11.89 -0.39
N SER A 161 17.12 -10.90 0.32
N SER A 161 16.39 -11.20 0.34
CA SER A 161 17.24 -10.91 1.77
CA SER A 161 16.55 -10.97 1.76
C SER A 161 16.88 -12.26 2.39
C SER A 161 16.02 -12.11 2.63
N GLY A 162 16.12 -13.09 1.69
N GLY A 162 15.24 -13.03 2.05
CA GLY A 162 15.68 -14.37 2.20
CA GLY A 162 14.87 -14.25 2.77
C GLY A 162 14.18 -14.50 2.31
C GLY A 162 13.40 -14.62 2.84
N LEU A 163 13.46 -13.39 2.44
N LEU A 163 12.50 -13.66 2.67
CA LEU A 163 12.00 -13.46 2.47
CA LEU A 163 11.07 -13.87 2.88
C LEU A 163 11.46 -13.79 1.09
C LEU A 163 10.39 -14.38 1.62
N ARG A 164 10.41 -14.60 1.07
N ARG A 164 9.49 -15.35 1.80
CA ARG A 164 9.70 -14.86 -0.17
CA ARG A 164 8.59 -15.75 0.71
C ARG A 164 8.43 -14.01 -0.23
C ARG A 164 7.52 -14.69 0.52
N TYR A 165 7.96 -13.80 -1.44
N TYR A 165 7.16 -14.45 -0.74
CA TYR A 165 6.85 -12.87 -1.64
CA TYR A 165 6.19 -13.40 -1.08
C TYR A 165 6.17 -13.21 -2.95
C TYR A 165 5.64 -13.68 -2.47
N ARG A 166 4.90 -12.83 -3.04
N ARG A 166 4.56 -12.97 -2.82
CA ARG A 166 4.17 -13.01 -4.28
CA ARG A 166 4.00 -13.07 -4.16
C ARG A 166 3.14 -11.91 -4.43
C ARG A 166 3.11 -11.86 -4.41
N MET A 167 2.92 -11.52 -5.67
CA MET A 167 2.05 -10.41 -6.04
C MET A 167 0.71 -10.93 -6.55
N HIS A 168 -0.36 -10.31 -6.09
CA HIS A 168 -1.71 -10.63 -6.53
C HIS A 168 -2.33 -9.38 -7.15
N SER A 169 -3.06 -9.57 -8.24
N SER A 169 -3.05 -9.58 -8.25
CA SER A 169 -3.73 -8.49 -8.93
CA SER A 169 -3.73 -8.49 -8.93
C SER A 169 -5.22 -8.76 -8.94
C SER A 169 -5.22 -8.77 -8.93
N TYR A 170 -5.98 -7.90 -8.26
CA TYR A 170 -7.43 -8.04 -8.15
C TYR A 170 -8.12 -6.93 -8.91
N ARG A 171 -9.26 -7.29 -9.49
CA ARG A 171 -10.12 -6.33 -10.18
CA ARG A 171 -10.12 -6.31 -10.15
C ARG A 171 -11.56 -6.57 -9.76
N ARG A 172 -12.33 -5.49 -9.68
N ARG A 172 -12.34 -5.50 -9.70
CA ARG A 172 -13.73 -5.62 -9.34
CA ARG A 172 -13.74 -5.60 -9.34
C ARG A 172 -14.47 -6.39 -10.43
C ARG A 172 -14.50 -6.36 -10.43
N LEU A 173 -15.30 -7.34 -10.01
CA LEU A 173 -16.11 -8.10 -10.95
C LEU A 173 -17.23 -7.28 -11.53
#